data_1YB4
#
_entry.id   1YB4
#
_cell.length_a   98.335
_cell.length_b   134.255
_cell.length_c   48.216
_cell.angle_alpha   90.00
_cell.angle_beta   90.00
_cell.angle_gamma   90.00
#
_symmetry.space_group_name_H-M   'P 21 21 2'
#
loop_
_entity.id
_entity.type
_entity.pdbx_description
1 polymer 'tartronic semialdehyde reductase'
2 water water
#
_entity_poly.entity_id   1
_entity_poly.type   'polypeptide(L)'
_entity_poly.pdbx_seq_one_letter_code
;SNA(MSE)KLGFIGLGI(MSE)GSP(MSE)AINLARAGHQLHVTTIGPVADELLSLGAVNVETARQVTEFADIIFI
(MSE)VPDTPQVEDVLFGEHGCAKTSLQGKTIVD(MSE)SSISPIETKRFAQRVNE(MSE)GADYLDAPVSGGEIGAREG
TLSI(MSE)VGGEQKVFDRVKPLFDILGKNITLVGGNGDGQTCKVANQIIVALNIEAVSEALVFASKAGADPVRVRQAL
(MSE)GGFASSRILEVHGER(MSE)INRTFEPGFKIALHQKDLNLALQSAKALALNLPNTATCQELFNTCAANGGSQLDH
SA(MSE)VQALEL(MSE)ANHKLS
;
_entity_poly.pdbx_strand_id   A,B
#
# COMPACT_ATOMS: atom_id res chain seq x y z
N LYS A 5 -9.94 29.91 -26.99
CA LYS A 5 -11.21 30.34 -26.43
C LYS A 5 -11.78 29.07 -25.79
N LEU A 6 -11.95 29.11 -24.47
CA LEU A 6 -12.41 27.94 -23.72
C LEU A 6 -13.81 28.04 -23.16
N GLY A 7 -14.29 26.90 -22.69
CA GLY A 7 -15.63 26.79 -22.11
C GLY A 7 -15.62 25.86 -20.90
N PHE A 8 -16.36 26.21 -19.85
CA PHE A 8 -16.43 25.40 -18.63
C PHE A 8 -17.90 25.11 -18.34
N ILE A 9 -18.26 23.83 -18.31
CA ILE A 9 -19.65 23.46 -18.09
C ILE A 9 -20.00 23.00 -16.67
N GLY A 10 -19.04 23.04 -15.76
CA GLY A 10 -19.36 22.63 -14.41
C GLY A 10 -18.57 23.40 -13.39
N LEU A 11 -19.25 24.15 -12.53
CA LEU A 11 -18.55 24.89 -11.51
C LEU A 11 -18.79 24.18 -10.18
N GLY A 12 -18.55 24.87 -9.08
CA GLY A 12 -18.76 24.21 -7.82
C GLY A 12 -17.46 23.83 -7.17
N ILE A 13 -17.54 23.14 -6.05
CA ILE A 13 -16.40 22.73 -5.26
C ILE A 13 -15.05 22.69 -5.99
N GLY A 15 -14.87 22.58 -9.95
CA GLY A 15 -14.98 23.23 -11.25
C GLY A 15 -14.72 24.72 -11.16
N SER A 16 -15.22 25.36 -10.10
CA SER A 16 -15.07 26.78 -9.89
C SER A 16 -13.62 27.25 -9.75
N PRO A 17 -12.86 26.68 -8.80
CA PRO A 17 -11.48 27.16 -8.69
C PRO A 17 -10.66 26.81 -9.92
N ALA A 19 -11.88 26.89 -13.11
CA ALA A 19 -12.24 27.93 -14.06
C ALA A 19 -11.48 29.20 -13.69
N ILE A 20 -11.50 29.52 -12.39
CA ILE A 20 -10.80 30.69 -11.88
C ILE A 20 -9.31 30.67 -12.25
N ASN A 21 -8.69 29.50 -12.25
CA ASN A 21 -7.29 29.42 -12.63
C ASN A 21 -7.07 29.65 -14.13
N LEU A 22 -7.99 29.16 -14.96
CA LEU A 22 -7.88 29.34 -16.41
C LEU A 22 -8.11 30.82 -16.76
N ALA A 23 -9.09 31.43 -16.11
CA ALA A 23 -9.42 32.82 -16.34
C ALA A 23 -8.26 33.72 -15.87
N ARG A 24 -7.65 33.34 -14.77
CA ARG A 24 -6.53 34.10 -14.21
C ARG A 24 -5.32 34.08 -15.13
N ALA A 25 -5.28 33.14 -16.07
CA ALA A 25 -4.14 33.07 -16.97
C ALA A 25 -4.36 33.86 -18.25
N GLY A 26 -5.47 34.58 -18.33
CA GLY A 26 -5.75 35.40 -19.50
C GLY A 26 -6.78 34.85 -20.48
N HIS A 27 -7.16 33.59 -20.31
CA HIS A 27 -8.12 32.98 -21.21
C HIS A 27 -9.53 33.54 -21.02
N GLN A 28 -10.30 33.53 -22.09
CA GLN A 28 -11.67 34.02 -22.03
C GLN A 28 -12.54 32.79 -21.93
N LEU A 29 -13.28 32.69 -20.84
CA LEU A 29 -14.13 31.54 -20.62
C LEU A 29 -15.62 31.82 -20.61
N HIS A 30 -16.36 30.94 -21.27
CA HIS A 30 -17.80 31.04 -21.28
C HIS A 30 -18.17 29.87 -20.38
N VAL A 31 -18.62 30.20 -19.17
CA VAL A 31 -18.97 29.20 -18.18
C VAL A 31 -20.47 29.00 -18.01
N THR A 32 -20.82 28.01 -17.19
CA THR A 32 -22.22 27.69 -16.91
C THR A 32 -22.28 26.62 -15.81
N THR A 33 -23.37 26.60 -15.06
CA THR A 33 -23.58 25.63 -13.98
C THR A 33 -24.93 25.94 -13.36
N ILE A 34 -25.44 25.04 -12.53
CA ILE A 34 -26.74 25.23 -11.90
C ILE A 34 -26.70 26.35 -10.86
N GLY A 35 -25.67 26.33 -10.02
CA GLY A 35 -25.56 27.33 -8.99
C GLY A 35 -25.14 28.69 -9.46
N PRO A 36 -24.89 29.60 -8.51
CA PRO A 36 -24.47 30.98 -8.81
C PRO A 36 -22.98 31.03 -9.07
N VAL A 37 -22.60 31.58 -10.21
CA VAL A 37 -21.19 31.68 -10.55
C VAL A 37 -20.49 32.58 -9.54
N ALA A 38 -19.41 32.07 -8.96
CA ALA A 38 -18.64 32.83 -7.98
C ALA A 38 -18.28 34.17 -8.61
N ASP A 39 -18.34 35.23 -7.83
CA ASP A 39 -18.02 36.57 -8.34
C ASP A 39 -16.61 36.60 -8.94
N GLU A 40 -15.63 36.05 -8.22
CA GLU A 40 -14.24 36.06 -8.64
C GLU A 40 -14.01 35.78 -10.11
N LEU A 41 -14.63 34.73 -10.65
CA LEU A 41 -14.43 34.42 -12.06
C LEU A 41 -15.32 35.27 -12.95
N LEU A 42 -16.42 35.78 -12.42
CA LEU A 42 -17.26 36.63 -13.23
C LEU A 42 -16.45 37.89 -13.50
N SER A 43 -15.95 38.49 -12.42
CA SER A 43 -15.14 39.71 -12.53
C SER A 43 -13.71 39.41 -12.94
N LEU A 44 -13.54 38.43 -13.83
CA LEU A 44 -12.21 38.04 -14.28
C LEU A 44 -12.27 37.73 -15.77
N GLY A 45 -13.46 37.90 -16.35
CA GLY A 45 -13.63 37.67 -17.78
C GLY A 45 -14.67 36.64 -18.16
N ALA A 46 -14.86 35.64 -17.30
CA ALA A 46 -15.82 34.59 -17.55
C ALA A 46 -17.19 35.19 -17.81
N VAL A 47 -17.83 34.68 -18.86
CA VAL A 47 -19.16 35.11 -19.26
C VAL A 47 -20.12 33.99 -18.88
N ASN A 48 -20.90 34.21 -17.81
CA ASN A 48 -21.85 33.19 -17.35
C ASN A 48 -23.04 33.02 -18.29
N VAL A 49 -22.78 32.53 -19.50
CA VAL A 49 -23.84 32.35 -20.47
C VAL A 49 -24.87 31.44 -19.81
N GLU A 50 -26.06 32.00 -19.62
CA GLU A 50 -27.16 31.32 -18.94
C GLU A 50 -27.28 29.79 -19.05
N THR A 51 -26.84 29.16 -20.15
CA THR A 51 -26.92 27.70 -20.21
C THR A 51 -25.83 26.96 -21.02
N ALA A 52 -25.97 25.64 -21.15
CA ALA A 52 -25.01 24.73 -21.80
C ALA A 52 -24.70 24.78 -23.31
N ARG A 53 -25.72 24.56 -24.15
CA ARG A 53 -25.47 24.56 -25.60
C ARG A 53 -24.63 25.77 -26.00
N GLN A 54 -24.80 26.85 -25.26
CA GLN A 54 -24.08 28.09 -25.54
C GLN A 54 -22.57 28.04 -25.29
N VAL A 55 -22.15 27.44 -24.17
CA VAL A 55 -20.73 27.33 -23.88
C VAL A 55 -20.03 26.67 -25.06
N THR A 56 -20.66 25.62 -25.60
CA THR A 56 -20.08 24.89 -26.74
C THR A 56 -19.95 25.73 -28.02
N GLU A 57 -20.80 26.75 -28.17
CA GLU A 57 -20.76 27.58 -29.37
C GLU A 57 -19.52 28.47 -29.40
N PHE A 58 -19.37 29.36 -28.44
CA PHE A 58 -18.21 30.24 -28.43
C PHE A 58 -17.05 29.66 -27.65
N ALA A 59 -16.57 28.51 -28.10
CA ALA A 59 -15.45 27.82 -27.45
C ALA A 59 -15.00 26.62 -28.28
N ASP A 60 -13.68 26.48 -28.45
CA ASP A 60 -13.12 25.35 -29.20
C ASP A 60 -12.76 24.17 -28.27
N ILE A 61 -12.40 24.49 -27.02
CA ILE A 61 -12.06 23.47 -26.03
C ILE A 61 -13.08 23.64 -24.90
N ILE A 62 -13.84 22.59 -24.63
CA ILE A 62 -14.87 22.62 -23.59
C ILE A 62 -14.53 21.71 -22.39
N PHE A 63 -14.45 22.31 -21.21
CA PHE A 63 -14.15 21.59 -19.96
C PHE A 63 -15.44 21.26 -19.23
N ILE A 64 -15.58 20.00 -18.84
CA ILE A 64 -16.75 19.54 -18.10
C ILE A 64 -16.38 19.04 -16.70
N VAL A 66 -18.68 17.99 -13.85
CA VAL A 66 -19.97 17.63 -13.27
C VAL A 66 -19.75 16.41 -12.33
N PRO A 67 -20.66 16.18 -11.37
CA PRO A 67 -20.61 15.08 -10.39
C PRO A 67 -20.55 13.58 -10.77
N ASP A 68 -21.55 13.07 -11.46
CA ASP A 68 -21.59 11.66 -11.82
C ASP A 68 -21.67 11.36 -13.32
N THR A 69 -21.58 10.09 -13.67
CA THR A 69 -21.63 9.65 -15.07
C THR A 69 -22.86 10.14 -15.83
N PRO A 70 -24.07 9.98 -15.26
CA PRO A 70 -25.27 10.42 -15.96
C PRO A 70 -25.34 11.92 -16.28
N GLN A 71 -24.85 12.76 -15.35
CA GLN A 71 -24.83 14.20 -15.56
C GLN A 71 -23.83 14.60 -16.63
N VAL A 72 -22.82 13.76 -16.85
CA VAL A 72 -21.85 14.04 -17.90
C VAL A 72 -22.49 13.64 -19.23
N GLU A 73 -23.39 12.66 -19.19
CA GLU A 73 -24.05 12.20 -20.40
C GLU A 73 -25.08 13.22 -20.89
N ASP A 74 -25.77 13.86 -19.95
CA ASP A 74 -26.77 14.85 -20.28
C ASP A 74 -26.10 16.11 -20.80
N VAL A 75 -24.97 16.48 -20.21
CA VAL A 75 -24.26 17.66 -20.68
C VAL A 75 -23.86 17.42 -22.11
N LEU A 76 -23.46 16.19 -22.39
CA LEU A 76 -23.05 15.82 -23.73
C LEU A 76 -24.21 15.69 -24.69
N PHE A 77 -25.16 14.82 -24.39
CA PHE A 77 -26.27 14.62 -25.30
C PHE A 77 -27.65 14.89 -24.71
N GLY A 78 -27.88 16.13 -24.31
CA GLY A 78 -29.16 16.50 -23.73
C GLY A 78 -29.73 17.62 -24.57
N GLU A 79 -30.97 18.02 -24.31
CA GLU A 79 -31.59 19.09 -25.10
C GLU A 79 -30.71 20.35 -25.13
N HIS A 80 -30.43 20.94 -23.96
CA HIS A 80 -29.59 22.13 -23.88
C HIS A 80 -28.11 21.75 -23.89
N GLY A 81 -27.83 20.49 -24.17
CA GLY A 81 -26.45 20.01 -24.18
C GLY A 81 -25.55 20.47 -25.32
N CYS A 82 -24.39 19.84 -25.42
CA CYS A 82 -23.41 20.12 -26.46
C CYS A 82 -23.91 19.58 -27.80
N ALA A 83 -25.00 18.82 -27.75
CA ALA A 83 -25.60 18.25 -28.94
C ALA A 83 -26.50 19.30 -29.58
N LYS A 84 -26.93 19.03 -30.80
CA LYS A 84 -27.79 19.95 -31.55
C LYS A 84 -27.02 21.22 -31.86
N THR A 85 -25.71 21.17 -31.62
CA THR A 85 -24.80 22.27 -31.88
C THR A 85 -23.63 21.64 -32.62
N SER A 86 -23.13 22.30 -33.65
CA SER A 86 -22.01 21.75 -34.39
C SER A 86 -20.89 21.47 -33.39
N LEU A 87 -20.28 20.29 -33.51
CA LEU A 87 -19.19 19.89 -32.63
C LEU A 87 -17.93 19.79 -33.46
N GLN A 88 -18.08 20.03 -34.76
CA GLN A 88 -16.98 19.94 -35.71
C GLN A 88 -15.80 20.83 -35.34
N GLY A 89 -14.60 20.25 -35.39
CA GLY A 89 -13.38 20.98 -35.08
C GLY A 89 -13.18 21.37 -33.63
N LYS A 90 -13.97 20.78 -32.75
CA LYS A 90 -13.88 21.09 -31.32
C LYS A 90 -13.24 19.96 -30.51
N THR A 91 -12.85 20.31 -29.31
CA THR A 91 -12.23 19.38 -28.38
C THR A 91 -13.01 19.49 -27.07
N ILE A 92 -13.51 18.35 -26.62
CA ILE A 92 -14.27 18.27 -25.38
C ILE A 92 -13.43 17.47 -24.38
N VAL A 93 -13.24 18.04 -23.20
CA VAL A 93 -12.46 17.36 -22.18
C VAL A 93 -13.24 17.23 -20.88
N ASP A 94 -13.55 15.98 -20.53
CA ASP A 94 -14.29 15.69 -19.32
C ASP A 94 -13.27 15.40 -18.23
N SER A 96 -14.37 15.01 -15.03
CA SER A 96 -15.15 14.39 -13.96
C SER A 96 -14.63 12.97 -13.78
N SER A 97 -14.95 12.37 -12.63
CA SER A 97 -14.57 10.98 -12.40
C SER A 97 -15.86 10.19 -12.59
N ILE A 98 -15.98 9.58 -13.76
CA ILE A 98 -17.17 8.81 -14.07
C ILE A 98 -16.78 7.41 -14.52
N SER A 99 -17.75 6.70 -15.06
CA SER A 99 -17.57 5.33 -15.51
C SER A 99 -16.67 5.15 -16.71
N PRO A 100 -15.65 4.28 -16.58
CA PRO A 100 -14.69 3.99 -17.66
C PRO A 100 -15.37 3.44 -18.91
N ILE A 101 -16.26 2.46 -18.73
CA ILE A 101 -17.01 1.85 -19.85
C ILE A 101 -17.89 2.90 -20.56
N GLU A 102 -18.53 3.77 -19.77
CA GLU A 102 -19.40 4.82 -20.30
C GLU A 102 -18.58 5.79 -21.14
N THR A 103 -17.49 6.27 -20.56
CA THR A 103 -16.63 7.21 -21.25
C THR A 103 -16.26 6.67 -22.63
N LYS A 104 -16.02 5.36 -22.71
CA LYS A 104 -15.68 4.74 -23.98
C LYS A 104 -16.72 5.11 -25.04
N ARG A 105 -18.00 4.98 -24.70
CA ARG A 105 -19.03 5.30 -25.69
C ARG A 105 -19.36 6.78 -25.83
N PHE A 106 -19.18 7.57 -24.78
CA PHE A 106 -19.45 9.00 -24.91
C PHE A 106 -18.46 9.54 -25.92
N ALA A 107 -17.20 9.10 -25.78
CA ALA A 107 -16.10 9.50 -26.64
C ALA A 107 -16.40 9.24 -28.11
N GLN A 108 -16.60 7.97 -28.47
CA GLN A 108 -16.86 7.67 -29.88
C GLN A 108 -18.12 8.34 -30.40
N ARG A 109 -19.05 8.68 -29.51
CA ARG A 109 -20.26 9.36 -29.94
C ARG A 109 -19.84 10.75 -30.39
N VAL A 110 -19.15 11.46 -29.50
CA VAL A 110 -18.65 12.79 -29.81
C VAL A 110 -17.72 12.70 -31.01
N ASN A 111 -16.91 11.65 -31.08
CA ASN A 111 -15.97 11.46 -32.19
C ASN A 111 -16.65 11.36 -33.54
N GLU A 112 -17.84 10.76 -33.58
CA GLU A 112 -18.57 10.62 -34.84
C GLU A 112 -19.38 11.87 -35.13
N GLY A 114 -17.70 14.79 -35.07
CA GLY A 114 -16.66 15.70 -35.52
C GLY A 114 -15.89 16.45 -34.45
N ALA A 115 -15.61 15.80 -33.32
CA ALA A 115 -14.89 16.45 -32.24
C ALA A 115 -13.95 15.48 -31.55
N ASP A 116 -12.91 16.00 -30.91
CA ASP A 116 -11.97 15.16 -30.17
C ASP A 116 -12.45 15.11 -28.72
N TYR A 117 -12.08 14.04 -28.02
CA TYR A 117 -12.48 13.82 -26.64
C TYR A 117 -11.31 13.38 -25.78
N LEU A 118 -11.14 14.02 -24.65
CA LEU A 118 -10.10 13.63 -23.71
C LEU A 118 -10.80 13.39 -22.40
N ASP A 119 -10.63 12.21 -21.81
CA ASP A 119 -11.22 11.99 -20.50
C ASP A 119 -10.02 12.17 -19.60
N ALA A 120 -10.07 13.19 -18.75
CA ALA A 120 -8.95 13.45 -17.87
C ALA A 120 -9.39 13.64 -16.42
N PRO A 121 -9.83 12.54 -15.78
CA PRO A 121 -10.25 12.63 -14.38
C PRO A 121 -9.12 13.25 -13.57
N VAL A 122 -9.46 13.87 -12.44
CA VAL A 122 -8.44 14.51 -11.63
C VAL A 122 -8.49 14.06 -10.16
N SER A 123 -7.39 14.24 -9.45
CA SER A 123 -7.34 13.91 -8.04
C SER A 123 -6.51 14.98 -7.33
N GLY A 124 -6.92 15.36 -6.12
CA GLY A 124 -6.20 16.36 -5.37
C GLY A 124 -7.16 17.15 -4.49
N GLY A 125 -8.44 17.06 -4.82
CA GLY A 125 -9.47 17.76 -4.06
C GLY A 125 -9.46 19.27 -4.18
N GLU A 126 -10.38 19.89 -3.46
CA GLU A 126 -10.52 21.33 -3.45
C GLU A 126 -9.17 22.07 -3.44
N ILE A 127 -8.39 21.87 -2.39
CA ILE A 127 -7.09 22.52 -2.26
C ILE A 127 -6.20 22.30 -3.48
N GLY A 128 -6.35 21.16 -4.13
CA GLY A 128 -5.56 20.86 -5.30
C GLY A 128 -5.98 21.71 -6.47
N ALA A 129 -7.29 21.89 -6.65
CA ALA A 129 -7.85 22.68 -7.75
C ALA A 129 -7.51 24.17 -7.68
N ARG A 130 -7.51 24.72 -6.46
CA ARG A 130 -7.21 26.14 -6.27
C ARG A 130 -5.73 26.41 -6.52
N GLU A 131 -4.90 25.55 -5.96
CA GLU A 131 -3.46 25.68 -6.04
C GLU A 131 -2.84 25.32 -7.40
N GLY A 132 -3.65 24.73 -8.28
CA GLY A 132 -3.15 24.33 -9.60
C GLY A 132 -2.19 23.15 -9.53
N THR A 133 -2.30 22.36 -8.47
CA THR A 133 -1.43 21.21 -8.26
C THR A 133 -2.18 19.87 -8.37
N LEU A 134 -3.25 19.85 -9.15
CA LEU A 134 -3.99 18.61 -9.32
C LEU A 134 -3.16 17.57 -10.08
N SER A 135 -3.48 16.30 -9.86
CA SER A 135 -2.84 15.24 -10.61
C SER A 135 -3.88 14.97 -11.70
N ILE A 136 -3.43 14.80 -12.94
CA ILE A 136 -4.33 14.59 -14.05
C ILE A 136 -3.97 13.39 -14.93
N VAL A 138 -4.91 11.24 -18.21
CA VAL A 138 -5.62 11.47 -19.45
C VAL A 138 -5.73 10.34 -20.47
N GLY A 139 -6.94 10.17 -21.00
CA GLY A 139 -7.16 9.17 -22.02
C GLY A 139 -7.51 9.88 -23.32
N GLY A 140 -6.81 9.53 -24.40
CA GLY A 140 -7.08 10.16 -25.69
C GLY A 140 -5.93 10.05 -26.67
N GLU A 141 -6.04 10.82 -27.75
CA GLU A 141 -5.02 10.87 -28.79
C GLU A 141 -3.94 11.88 -28.41
N GLN A 142 -2.68 11.49 -28.54
CA GLN A 142 -1.57 12.37 -28.18
C GLN A 142 -1.64 13.83 -28.66
N LYS A 143 -1.80 14.05 -29.97
CA LYS A 143 -1.87 15.42 -30.50
C LYS A 143 -2.95 16.24 -29.76
N VAL A 144 -4.09 15.60 -29.48
CA VAL A 144 -5.18 16.25 -28.77
C VAL A 144 -4.70 16.59 -27.36
N PHE A 145 -4.06 15.61 -26.73
CA PHE A 145 -3.50 15.80 -25.40
C PHE A 145 -2.49 16.94 -25.46
N ASP A 146 -1.61 16.92 -26.46
CA ASP A 146 -0.60 17.95 -26.62
C ASP A 146 -1.20 19.34 -26.77
N ARG A 147 -2.36 19.41 -27.42
CA ARG A 147 -3.07 20.67 -27.65
C ARG A 147 -3.63 21.31 -26.39
N VAL A 148 -4.23 20.48 -25.55
CA VAL A 148 -4.84 20.93 -24.32
C VAL A 148 -3.80 21.04 -23.19
N LYS A 149 -2.66 20.37 -23.40
CA LYS A 149 -1.57 20.32 -22.42
C LYS A 149 -1.24 21.63 -21.71
N PRO A 150 -1.13 22.75 -22.45
CA PRO A 150 -0.81 24.05 -21.81
C PRO A 150 -1.86 24.46 -20.77
N LEU A 151 -3.10 24.04 -20.99
CA LEU A 151 -4.18 24.36 -20.07
C LEU A 151 -4.08 23.42 -18.87
N PHE A 152 -3.85 22.13 -19.12
CA PHE A 152 -3.70 21.21 -18.01
C PHE A 152 -2.58 21.73 -17.09
N ASP A 153 -1.52 22.28 -17.71
CA ASP A 153 -0.37 22.81 -16.98
C ASP A 153 -0.75 23.88 -15.97
N ILE A 154 -1.82 24.60 -16.27
CA ILE A 154 -2.31 25.64 -15.38
C ILE A 154 -3.12 25.01 -14.27
N LEU A 155 -3.82 23.92 -14.59
CA LEU A 155 -4.67 23.23 -13.63
C LEU A 155 -4.00 22.26 -12.65
N GLY A 156 -2.84 21.72 -12.99
CA GLY A 156 -2.19 20.80 -12.08
C GLY A 156 -0.71 20.55 -12.39
N LYS A 157 -0.06 19.72 -11.57
CA LYS A 157 1.35 19.40 -11.78
C LYS A 157 1.49 18.10 -12.52
N ASN A 158 1.13 17.00 -11.85
CA ASN A 158 1.24 15.69 -12.45
C ASN A 158 0.20 15.42 -13.52
N ILE A 159 0.59 15.61 -14.79
CA ILE A 159 -0.31 15.34 -15.88
C ILE A 159 0.29 14.14 -16.56
N THR A 160 -0.55 13.15 -16.85
CA THR A 160 -0.05 11.95 -17.47
C THR A 160 -1.03 11.44 -18.50
N LEU A 161 -0.53 11.22 -19.72
CA LEU A 161 -1.36 10.67 -20.77
C LEU A 161 -1.24 9.19 -20.51
N VAL A 162 -2.35 8.57 -20.09
CA VAL A 162 -2.36 7.16 -19.75
C VAL A 162 -2.56 6.22 -20.95
N GLY A 163 -3.33 6.67 -21.93
CA GLY A 163 -3.60 5.87 -23.10
C GLY A 163 -4.76 6.47 -23.88
N GLY A 164 -5.52 5.63 -24.56
CA GLY A 164 -6.64 6.10 -25.34
C GLY A 164 -7.85 6.38 -24.48
N ASN A 165 -8.89 6.94 -25.10
CA ASN A 165 -10.14 7.29 -24.42
C ASN A 165 -10.69 6.20 -23.51
N GLY A 166 -10.82 6.54 -22.23
CA GLY A 166 -11.33 5.59 -21.26
C GLY A 166 -10.23 5.20 -20.27
N ASP A 167 -8.99 5.24 -20.72
CA ASP A 167 -7.86 4.88 -19.85
C ASP A 167 -7.64 5.94 -18.79
N GLY A 168 -8.15 7.13 -19.03
CA GLY A 168 -8.00 8.20 -18.06
C GLY A 168 -8.84 7.83 -16.86
N GLN A 169 -10.10 7.49 -17.13
CA GLN A 169 -11.02 7.11 -16.08
C GLN A 169 -10.53 5.84 -15.41
N THR A 170 -10.09 4.88 -16.22
CA THR A 170 -9.64 3.64 -15.66
C THR A 170 -8.46 3.88 -14.73
N CYS A 171 -7.64 4.89 -15.05
CA CYS A 171 -6.48 5.19 -14.24
C CYS A 171 -6.89 5.78 -12.89
N LYS A 172 -7.89 6.65 -12.91
CA LYS A 172 -8.38 7.25 -11.68
C LYS A 172 -8.96 6.16 -10.76
N VAL A 173 -9.79 5.27 -11.30
CA VAL A 173 -10.40 4.23 -10.48
C VAL A 173 -9.33 3.39 -9.81
N ALA A 174 -8.30 3.04 -10.58
CA ALA A 174 -7.19 2.24 -10.07
C ALA A 174 -6.50 2.95 -8.91
N ASN A 175 -6.38 4.27 -9.03
CA ASN A 175 -5.77 5.10 -8.00
C ASN A 175 -6.60 4.98 -6.71
N GLN A 176 -7.90 5.18 -6.83
CA GLN A 176 -8.80 5.13 -5.67
C GLN A 176 -8.87 3.78 -5.00
N ILE A 177 -8.71 2.70 -5.75
CA ILE A 177 -8.72 1.36 -5.15
C ILE A 177 -7.51 1.20 -4.22
N ILE A 178 -6.33 1.53 -4.73
CA ILE A 178 -5.10 1.39 -3.97
C ILE A 178 -5.06 2.33 -2.79
N VAL A 179 -5.57 3.55 -2.93
CA VAL A 179 -5.54 4.46 -1.80
C VAL A 179 -6.39 3.88 -0.69
N ALA A 180 -7.53 3.30 -1.07
CA ALA A 180 -8.44 2.70 -0.09
C ALA A 180 -7.82 1.46 0.55
N LEU A 181 -7.37 0.53 -0.28
CA LEU A 181 -6.76 -0.67 0.26
C LEU A 181 -5.51 -0.38 1.10
N ASN A 182 -4.69 0.61 0.70
CA ASN A 182 -3.47 0.95 1.45
C ASN A 182 -3.86 1.56 2.80
N ILE A 183 -4.85 2.43 2.79
CA ILE A 183 -5.32 3.05 4.03
C ILE A 183 -5.83 1.97 4.98
N GLU A 184 -6.57 1.01 4.45
CA GLU A 184 -7.11 -0.05 5.30
C GLU A 184 -5.98 -0.92 5.82
N ALA A 185 -4.96 -1.14 5.00
CA ALA A 185 -3.83 -1.96 5.42
C ALA A 185 -3.10 -1.33 6.61
N VAL A 186 -2.77 -0.05 6.52
CA VAL A 186 -2.09 0.64 7.61
C VAL A 186 -2.97 0.56 8.88
N SER A 187 -4.28 0.63 8.70
CA SER A 187 -5.22 0.57 9.83
C SER A 187 -5.20 -0.79 10.57
N GLU A 188 -5.15 -1.87 9.79
CA GLU A 188 -5.13 -3.21 10.38
C GLU A 188 -3.81 -3.51 11.07
N ALA A 189 -2.71 -3.06 10.48
CA ALA A 189 -1.38 -3.27 11.04
C ALA A 189 -1.13 -2.48 12.32
N LEU A 190 -1.49 -1.20 12.33
CA LEU A 190 -1.29 -0.36 13.51
C LEU A 190 -2.26 -0.68 14.65
N VAL A 191 -3.55 -0.86 14.35
CA VAL A 191 -4.51 -1.21 15.40
C VAL A 191 -3.99 -2.49 16.08
N PHE A 192 -3.54 -3.45 15.26
CA PHE A 192 -3.00 -4.70 15.77
C PHE A 192 -1.73 -4.45 16.60
N ALA A 193 -0.79 -3.70 16.03
CA ALA A 193 0.46 -3.38 16.73
C ALA A 193 0.11 -2.72 18.04
N SER A 194 -0.88 -1.85 18.02
CA SER A 194 -1.27 -1.15 19.23
C SER A 194 -1.83 -2.10 20.29
N LYS A 195 -2.86 -2.87 19.92
CA LYS A 195 -3.47 -3.81 20.86
C LYS A 195 -2.47 -4.86 21.32
N ALA A 196 -1.36 -4.99 20.59
CA ALA A 196 -0.33 -5.96 20.95
C ALA A 196 0.61 -5.35 22.01
N GLY A 197 0.48 -4.04 22.23
CA GLY A 197 1.32 -3.38 23.19
C GLY A 197 2.46 -2.52 22.64
N ALA A 198 2.62 -2.51 21.32
CA ALA A 198 3.69 -1.73 20.71
C ALA A 198 3.23 -0.30 20.47
N ASP A 199 4.17 0.61 20.24
CA ASP A 199 3.86 2.00 20.01
C ASP A 199 3.75 2.24 18.52
N PRO A 200 2.55 2.65 18.06
CA PRO A 200 2.36 2.89 16.62
C PRO A 200 3.40 3.83 16.01
N VAL A 201 3.81 4.85 16.74
CA VAL A 201 4.80 5.77 16.21
C VAL A 201 6.04 4.99 15.82
N ARG A 202 6.46 4.09 16.70
CA ARG A 202 7.63 3.23 16.50
C ARG A 202 7.55 2.30 15.27
N VAL A 203 6.50 1.48 15.24
CA VAL A 203 6.26 0.51 14.17
C VAL A 203 6.24 1.26 12.86
N ARG A 204 5.49 2.35 12.82
CA ARG A 204 5.39 3.17 11.63
C ARG A 204 6.80 3.59 11.22
N GLN A 205 7.57 4.03 12.22
CA GLN A 205 8.93 4.49 11.98
C GLN A 205 9.78 3.38 11.36
N ALA A 206 9.62 2.18 11.88
CA ALA A 206 10.37 1.05 11.36
C ALA A 206 9.97 0.69 9.94
N LEU A 207 8.69 0.35 9.76
CA LEU A 207 8.15 -0.04 8.46
C LEU A 207 8.46 0.96 7.37
N GLY A 209 11.28 2.04 6.56
CA GLY A 209 12.48 1.63 5.85
C GLY A 209 12.50 0.18 5.39
N GLY A 210 11.62 -0.15 4.45
CA GLY A 210 11.53 -1.51 3.94
C GLY A 210 10.47 -1.65 2.86
N PHE A 211 9.78 -2.78 2.81
CA PHE A 211 8.76 -2.96 1.79
C PHE A 211 7.34 -2.54 2.14
N ALA A 212 7.14 -2.19 3.41
CA ALA A 212 5.84 -1.72 3.88
C ALA A 212 5.72 -0.23 3.57
N SER A 213 6.85 0.39 3.25
CA SER A 213 6.90 1.82 2.92
C SER A 213 5.87 2.24 1.87
N SER A 214 5.10 3.27 2.19
CA SER A 214 4.10 3.78 1.27
C SER A 214 3.86 5.27 1.50
N ARG A 215 3.25 5.91 0.51
CA ARG A 215 2.92 7.32 0.60
C ARG A 215 1.76 7.48 1.57
N ILE A 216 1.03 6.38 1.78
CA ILE A 216 -0.11 6.31 2.69
C ILE A 216 0.30 6.13 4.15
N LEU A 217 1.23 5.22 4.42
CA LEU A 217 1.71 5.01 5.78
C LEU A 217 2.39 6.29 6.27
N GLU A 218 3.07 6.97 5.36
CA GLU A 218 3.75 8.20 5.73
C GLU A 218 2.79 9.31 6.13
N VAL A 219 1.89 9.67 5.22
CA VAL A 219 0.93 10.72 5.49
C VAL A 219 -0.24 10.25 6.34
N HIS A 220 -1.08 9.39 5.79
CA HIS A 220 -2.24 8.86 6.50
C HIS A 220 -1.89 8.15 7.79
N GLY A 221 -0.76 7.47 7.80
CA GLY A 221 -0.34 6.79 9.02
C GLY A 221 -0.31 7.81 10.13
N GLU A 222 0.37 8.91 9.87
CA GLU A 222 0.50 10.00 10.83
C GLU A 222 -0.88 10.54 11.25
N ARG A 223 -1.75 10.76 10.27
CA ARG A 223 -3.09 11.26 10.55
C ARG A 223 -3.86 10.39 11.54
N ILE A 225 -2.43 8.41 13.98
CA ILE A 225 -1.80 8.47 15.29
C ILE A 225 -2.15 9.76 16.04
N ASN A 226 -2.01 10.89 15.37
CA ASN A 226 -2.31 12.16 16.02
C ASN A 226 -3.79 12.48 16.00
N ARG A 227 -4.60 11.51 15.59
CA ARG A 227 -6.07 11.66 15.52
C ARG A 227 -6.52 12.90 14.74
N THR A 228 -5.76 13.27 13.71
CA THR A 228 -6.09 14.43 12.92
C THR A 228 -6.81 14.00 11.64
N PHE A 229 -8.14 14.05 11.67
CA PHE A 229 -9.00 13.64 10.56
C PHE A 229 -9.76 14.74 9.82
N GLU A 230 -9.38 15.99 10.01
CA GLU A 230 -10.10 17.06 9.31
C GLU A 230 -10.01 16.73 7.83
N PRO A 231 -11.11 16.95 7.10
CA PRO A 231 -11.15 16.67 5.67
C PRO A 231 -9.97 17.10 4.80
N GLY A 232 -9.66 16.21 3.88
CA GLY A 232 -8.59 16.40 2.92
C GLY A 232 -9.27 15.69 1.75
N PHE A 233 -9.98 14.62 2.11
CA PHE A 233 -10.73 13.80 1.17
C PHE A 233 -11.78 13.03 1.99
N LYS A 234 -13.03 13.48 1.91
CA LYS A 234 -14.12 12.85 2.67
C LYS A 234 -14.37 11.38 2.36
N ILE A 235 -14.73 10.63 3.40
CA ILE A 235 -15.03 9.23 3.25
C ILE A 235 -16.21 9.11 2.29
N ALA A 236 -17.20 9.99 2.44
CA ALA A 236 -18.35 9.96 1.54
C ALA A 236 -17.90 10.02 0.08
N LEU A 237 -16.83 10.76 -0.17
CA LEU A 237 -16.28 10.89 -1.51
C LEU A 237 -15.60 9.60 -1.97
N HIS A 238 -14.73 9.06 -1.13
CA HIS A 238 -14.05 7.83 -1.47
C HIS A 238 -15.10 6.73 -1.62
N GLN A 239 -16.28 6.92 -1.00
CA GLN A 239 -17.35 5.93 -1.11
C GLN A 239 -17.91 5.94 -2.54
N LYS A 240 -18.23 7.13 -3.02
CA LYS A 240 -18.74 7.29 -4.37
C LYS A 240 -17.70 6.70 -5.34
N ASP A 241 -16.42 6.96 -5.10
CA ASP A 241 -15.39 6.42 -5.97
C ASP A 241 -15.34 4.88 -5.95
N LEU A 242 -15.29 4.28 -4.76
CA LEU A 242 -15.25 2.83 -4.68
C LEU A 242 -16.47 2.23 -5.35
N ASN A 243 -17.53 3.02 -5.49
CA ASN A 243 -18.73 2.51 -6.14
C ASN A 243 -18.50 2.41 -7.65
N LEU A 244 -17.68 3.30 -8.20
CA LEU A 244 -17.36 3.24 -9.61
C LEU A 244 -16.57 1.96 -9.85
N ALA A 245 -15.56 1.73 -9.01
CA ALA A 245 -14.74 0.53 -9.11
C ALA A 245 -15.59 -0.74 -9.03
N LEU A 246 -16.45 -0.82 -8.01
CA LEU A 246 -17.30 -2.00 -7.86
C LEU A 246 -18.33 -2.19 -8.99
N GLN A 247 -18.87 -1.10 -9.52
CA GLN A 247 -19.83 -1.22 -10.61
C GLN A 247 -19.07 -1.60 -11.88
N SER A 248 -17.86 -1.05 -12.05
CA SER A 248 -17.04 -1.36 -13.22
C SER A 248 -16.64 -2.83 -13.10
N ALA A 249 -16.22 -3.19 -11.90
CA ALA A 249 -15.80 -4.56 -11.60
C ALA A 249 -16.93 -5.51 -11.94
N LYS A 250 -18.15 -5.14 -11.58
CA LYS A 250 -19.31 -5.99 -11.85
C LYS A 250 -19.55 -6.12 -13.35
N ALA A 251 -19.39 -5.02 -14.08
CA ALA A 251 -19.61 -5.03 -15.53
C ALA A 251 -18.52 -5.80 -16.29
N LEU A 252 -17.28 -5.68 -15.82
CA LEU A 252 -16.16 -6.37 -16.45
C LEU A 252 -15.95 -7.73 -15.81
N ALA A 253 -16.82 -8.08 -14.87
CA ALA A 253 -16.73 -9.36 -14.17
C ALA A 253 -15.40 -9.53 -13.46
N LEU A 254 -15.06 -8.63 -12.53
CA LEU A 254 -13.82 -8.74 -11.75
C LEU A 254 -14.17 -9.00 -10.30
N ASN A 255 -13.41 -9.88 -9.64
CA ASN A 255 -13.62 -10.20 -8.23
C ASN A 255 -12.64 -9.32 -7.46
N LEU A 256 -13.12 -8.20 -6.92
CA LEU A 256 -12.26 -7.29 -6.15
C LEU A 256 -12.72 -7.46 -4.71
N PRO A 257 -12.20 -8.51 -4.05
CA PRO A 257 -12.59 -8.77 -2.67
C PRO A 257 -12.24 -7.70 -1.65
N ASN A 258 -11.00 -7.24 -1.62
CA ASN A 258 -10.70 -6.24 -0.61
C ASN A 258 -11.31 -4.86 -0.92
N THR A 259 -11.53 -4.55 -2.18
CA THR A 259 -12.17 -3.28 -2.49
C THR A 259 -13.62 -3.42 -1.99
N ALA A 260 -14.23 -4.58 -2.24
CA ALA A 260 -15.60 -4.81 -1.80
C ALA A 260 -15.68 -4.59 -0.30
N THR A 261 -14.78 -5.21 0.45
CA THR A 261 -14.75 -5.07 1.90
C THR A 261 -14.51 -3.62 2.31
N CYS A 262 -13.55 -2.95 1.69
CA CYS A 262 -13.26 -1.56 2.03
C CYS A 262 -14.50 -0.69 1.96
N GLN A 263 -15.35 -0.95 0.96
CA GLN A 263 -16.57 -0.17 0.79
C GLN A 263 -17.48 -0.43 1.99
N GLU A 264 -17.51 -1.67 2.45
CA GLU A 264 -18.35 -2.02 3.59
C GLU A 264 -17.81 -1.39 4.88
N LEU A 265 -16.50 -1.35 5.02
CA LEU A 265 -15.87 -0.74 6.19
C LEU A 265 -16.21 0.77 6.21
N PHE A 266 -16.25 1.39 5.03
CA PHE A 266 -16.61 2.80 4.94
C PHE A 266 -18.06 2.95 5.40
N ASN A 267 -18.86 1.91 5.21
CA ASN A 267 -20.25 1.93 5.61
C ASN A 267 -20.30 1.97 7.13
N THR A 268 -19.34 1.30 7.77
CA THR A 268 -19.27 1.29 9.21
C THR A 268 -18.86 2.69 9.69
N CYS A 269 -17.96 3.36 8.95
CA CYS A 269 -17.57 4.71 9.34
C CYS A 269 -18.80 5.65 9.25
N ALA A 270 -19.46 5.67 8.09
CA ALA A 270 -20.63 6.52 7.91
C ALA A 270 -21.63 6.23 9.01
N ALA A 271 -21.76 4.95 9.37
CA ALA A 271 -22.69 4.56 10.41
C ALA A 271 -22.28 5.12 11.77
N ASN A 272 -21.03 5.54 11.88
CA ASN A 272 -20.53 6.05 13.14
C ASN A 272 -19.93 7.44 13.01
N GLY A 273 -20.58 8.28 12.19
CA GLY A 273 -20.15 9.65 12.00
C GLY A 273 -18.77 9.92 11.41
N GLY A 274 -18.41 9.16 10.37
CA GLY A 274 -17.12 9.36 9.74
C GLY A 274 -17.27 9.78 8.30
N SER A 275 -18.50 9.86 7.80
CA SER A 275 -18.75 10.24 6.42
C SER A 275 -18.06 11.54 6.00
N GLN A 276 -18.01 12.48 6.92
CA GLN A 276 -17.45 13.80 6.65
C GLN A 276 -16.00 14.00 7.06
N LEU A 277 -15.33 12.92 7.43
CA LEU A 277 -13.94 13.00 7.85
C LEU A 277 -13.00 12.56 6.74
N ASP A 278 -11.71 12.76 6.97
CA ASP A 278 -10.66 12.39 6.03
C ASP A 278 -10.67 10.86 5.94
N HIS A 279 -10.51 10.31 4.73
CA HIS A 279 -10.55 8.86 4.61
C HIS A 279 -9.52 8.14 5.47
N SER A 280 -8.67 8.89 6.16
CA SER A 280 -7.69 8.30 7.05
C SER A 280 -8.49 7.87 8.28
N ALA A 281 -9.70 8.40 8.39
CA ALA A 281 -10.60 8.07 9.48
C ALA A 281 -11.02 6.60 9.42
N VAL A 283 -9.41 4.08 9.94
CA VAL A 283 -8.87 3.38 11.10
C VAL A 283 -9.89 3.19 12.21
N GLN A 284 -10.82 4.13 12.31
CA GLN A 284 -11.84 4.03 13.35
C GLN A 284 -12.71 2.79 13.21
N ALA A 285 -12.90 2.33 11.97
CA ALA A 285 -13.72 1.15 11.74
C ALA A 285 -13.10 -0.07 12.37
N LEU A 286 -11.78 -0.22 12.20
CA LEU A 286 -11.11 -1.36 12.80
C LEU A 286 -10.95 -1.20 14.31
N GLU A 287 -10.85 0.06 14.77
CA GLU A 287 -10.74 0.28 16.21
C GLU A 287 -12.04 -0.20 16.83
N LEU A 288 -13.15 0.13 16.18
CA LEU A 288 -14.49 -0.26 16.67
C LEU A 288 -14.61 -1.80 16.72
N ALA A 290 -12.37 -3.94 17.05
CA ALA A 290 -11.42 -4.56 17.95
C ALA A 290 -11.59 -4.01 19.36
N ASN A 291 -12.39 -2.96 19.49
CA ASN A 291 -12.62 -2.32 20.78
C ASN A 291 -11.25 -1.90 21.34
N HIS A 292 -10.49 -1.18 20.51
CA HIS A 292 -9.17 -0.71 20.90
C HIS A 292 -8.73 0.42 19.94
N LYS A 293 -8.56 1.63 20.46
CA LYS A 293 -8.19 2.77 19.64
C LYS A 293 -6.67 3.03 19.52
N LEU A 294 -6.32 4.03 18.69
CA LEU A 294 -4.94 4.47 18.41
C LEU A 294 -4.26 3.70 17.27
N LYS B 5 32.62 -13.86 22.22
CA LYS B 5 31.93 -15.14 22.25
C LYS B 5 30.46 -15.09 21.87
N LEU B 6 30.18 -15.40 20.62
CA LEU B 6 28.84 -15.39 20.09
C LEU B 6 28.43 -16.82 19.73
N GLY B 7 27.14 -17.12 19.86
CA GLY B 7 26.65 -18.45 19.53
C GLY B 7 25.48 -18.33 18.57
N PHE B 8 25.35 -19.30 17.67
CA PHE B 8 24.27 -19.27 16.70
C PHE B 8 23.57 -20.64 16.64
N ILE B 9 22.26 -20.62 16.85
CA ILE B 9 21.47 -21.85 16.80
C ILE B 9 20.50 -21.75 15.62
N GLY B 10 20.63 -22.68 14.67
CA GLY B 10 19.81 -22.64 13.48
C GLY B 10 20.63 -22.09 12.34
N LEU B 11 20.90 -22.91 11.34
CA LEU B 11 21.68 -22.48 10.21
C LEU B 11 20.97 -22.90 8.94
N GLY B 12 19.82 -22.28 8.69
CA GLY B 12 19.05 -22.57 7.49
C GLY B 12 19.48 -21.58 6.42
N ILE B 13 18.64 -21.35 5.42
CA ILE B 13 19.02 -20.43 4.36
C ILE B 13 19.28 -19.00 4.85
N GLY B 15 20.00 -18.33 8.64
CA GLY B 15 21.00 -18.51 9.68
C GLY B 15 22.42 -18.77 9.23
N SER B 16 22.60 -19.67 8.27
CA SER B 16 23.94 -19.99 7.79
C SER B 16 24.69 -18.75 7.31
N PRO B 17 24.14 -18.02 6.32
CA PRO B 17 24.86 -16.82 5.85
C PRO B 17 25.01 -15.73 6.92
N ALA B 19 25.47 -16.27 10.21
CA ALA B 19 26.58 -16.75 11.05
C ALA B 19 27.90 -16.56 10.31
N ILE B 20 27.91 -16.88 9.02
CA ILE B 20 29.07 -16.72 8.19
C ILE B 20 29.52 -15.25 8.19
N ASN B 21 28.54 -14.33 8.21
CA ASN B 21 28.87 -12.92 8.24
C ASN B 21 29.54 -12.51 9.56
N LEU B 22 29.08 -13.07 10.66
CA LEU B 22 29.67 -12.74 11.95
C LEU B 22 31.06 -13.39 12.07
N ALA B 23 31.23 -14.55 11.45
CA ALA B 23 32.51 -15.25 11.49
C ALA B 23 33.57 -14.54 10.65
N ARG B 24 33.15 -13.98 9.52
CA ARG B 24 34.08 -13.28 8.64
C ARG B 24 34.43 -11.90 9.21
N ALA B 25 33.73 -11.50 10.26
CA ALA B 25 33.99 -10.21 10.90
C ALA B 25 35.04 -10.42 12.00
N GLY B 26 35.51 -11.66 12.13
CA GLY B 26 36.52 -11.98 13.14
C GLY B 26 35.98 -12.39 14.50
N HIS B 27 34.68 -12.64 14.60
CA HIS B 27 34.12 -13.05 15.88
C HIS B 27 34.25 -14.54 16.09
N GLN B 28 34.22 -14.95 17.36
CA GLN B 28 34.36 -16.36 17.72
C GLN B 28 32.97 -17.01 17.78
N LEU B 29 32.78 -18.10 17.05
CA LEU B 29 31.47 -18.76 17.00
C LEU B 29 31.35 -20.26 17.15
N HIS B 30 30.41 -20.67 18.00
CA HIS B 30 30.08 -22.07 18.17
C HIS B 30 28.66 -22.11 17.66
N VAL B 31 28.40 -23.06 16.79
CA VAL B 31 27.10 -23.16 16.18
C VAL B 31 26.50 -24.56 16.35
N THR B 32 25.20 -24.66 16.08
CA THR B 32 24.50 -25.93 16.14
C THR B 32 23.25 -25.83 15.27
N THR B 33 23.05 -26.82 14.39
CA THR B 33 21.91 -26.83 13.47
C THR B 33 21.41 -28.25 13.26
N ILE B 34 20.14 -28.38 12.88
CA ILE B 34 19.55 -29.69 12.61
C ILE B 34 20.11 -30.03 11.24
N GLY B 35 21.23 -30.76 11.22
CA GLY B 35 21.83 -31.12 9.95
C GLY B 35 23.25 -30.67 9.73
N PRO B 36 23.69 -30.63 8.46
CA PRO B 36 25.03 -30.25 8.04
C PRO B 36 25.33 -28.76 8.10
N VAL B 37 26.50 -28.41 8.64
CA VAL B 37 26.91 -27.01 8.72
C VAL B 37 27.69 -26.69 7.45
N ALA B 38 27.63 -25.43 7.04
CA ALA B 38 28.32 -24.97 5.84
C ALA B 38 29.84 -25.08 5.96
N ASP B 39 30.48 -25.55 4.90
CA ASP B 39 31.94 -25.69 4.92
C ASP B 39 32.54 -24.30 5.12
N GLU B 40 32.02 -23.32 4.38
CA GLU B 40 32.52 -21.96 4.46
C GLU B 40 32.45 -21.40 5.88
N LEU B 41 31.48 -21.83 6.67
CA LEU B 41 31.34 -21.33 8.04
C LEU B 41 32.41 -21.93 8.97
N LEU B 42 32.53 -23.26 8.98
CA LEU B 42 33.53 -23.92 9.81
C LEU B 42 34.90 -23.44 9.33
N SER B 43 34.96 -23.12 8.03
CA SER B 43 36.16 -22.64 7.39
C SER B 43 36.65 -21.33 7.96
N LEU B 44 35.78 -20.64 8.71
CA LEU B 44 36.14 -19.36 9.29
C LEU B 44 36.34 -19.39 10.80
N GLY B 45 36.43 -20.58 11.38
CA GLY B 45 36.66 -20.67 12.80
C GLY B 45 35.50 -21.23 13.59
N ALA B 46 34.31 -21.15 13.01
CA ALA B 46 33.13 -21.65 13.66
C ALA B 46 33.33 -23.09 14.12
N VAL B 47 32.86 -23.38 15.32
CA VAL B 47 32.94 -24.73 15.86
C VAL B 47 31.53 -25.27 15.98
N ASN B 48 31.27 -26.36 15.27
CA ASN B 48 29.97 -26.98 15.29
C ASN B 48 29.89 -27.90 16.50
N VAL B 49 29.07 -27.52 17.50
CA VAL B 49 28.88 -28.35 18.70
C VAL B 49 27.63 -29.19 18.47
N GLU B 50 27.15 -29.91 19.48
CA GLU B 50 25.97 -30.76 19.28
C GLU B 50 24.61 -30.25 19.74
N THR B 51 24.57 -29.47 20.82
CA THR B 51 23.30 -28.96 21.33
C THR B 51 23.28 -27.48 21.64
N ALA B 52 22.07 -26.96 21.81
CA ALA B 52 21.91 -25.54 22.12
C ALA B 52 22.55 -25.24 23.46
N ARG B 53 22.48 -26.19 24.40
CA ARG B 53 23.06 -26.00 25.73
C ARG B 53 24.56 -25.69 25.68
N GLN B 54 25.26 -26.39 24.80
CA GLN B 54 26.71 -26.20 24.65
C GLN B 54 27.07 -24.87 24.01
N VAL B 55 26.26 -24.43 23.03
CA VAL B 55 26.49 -23.14 22.37
C VAL B 55 26.46 -22.10 23.48
N THR B 56 25.45 -22.24 24.35
CA THR B 56 25.20 -21.33 25.49
C THR B 56 26.28 -21.37 26.56
N GLU B 57 26.74 -22.56 26.93
CA GLU B 57 27.80 -22.67 27.94
C GLU B 57 29.01 -21.87 27.46
N PHE B 58 29.20 -21.81 26.15
CA PHE B 58 30.33 -21.09 25.56
C PHE B 58 30.18 -19.57 25.36
N ALA B 59 29.07 -19.15 24.77
CA ALA B 59 28.85 -17.75 24.44
C ALA B 59 28.19 -16.82 25.45
N ASP B 60 28.49 -15.52 25.27
CA ASP B 60 27.94 -14.46 26.10
C ASP B 60 26.66 -13.95 25.45
N ILE B 61 26.63 -13.95 24.12
CA ILE B 61 25.48 -13.50 23.35
C ILE B 61 25.05 -14.65 22.44
N ILE B 62 23.85 -15.17 22.66
CA ILE B 62 23.35 -16.28 21.86
C ILE B 62 22.29 -15.83 20.83
N PHE B 63 22.57 -16.09 19.55
CA PHE B 63 21.68 -15.76 18.46
C PHE B 63 20.86 -17.01 18.14
N ILE B 64 19.61 -16.86 17.72
CA ILE B 64 18.75 -18.00 17.39
C ILE B 64 17.97 -17.77 16.10
N VAL B 66 15.42 -20.12 14.28
CA VAL B 66 14.61 -21.31 14.03
C VAL B 66 13.28 -20.94 13.39
N PRO B 67 12.66 -21.88 12.67
CA PRO B 67 11.38 -21.72 11.98
C PRO B 67 10.15 -21.25 12.77
N ASP B 68 9.92 -21.77 13.97
CA ASP B 68 8.71 -21.37 14.69
C ASP B 68 8.77 -21.17 16.21
N THR B 69 7.66 -20.64 16.72
CA THR B 69 7.52 -20.37 18.15
C THR B 69 7.88 -21.59 18.97
N PRO B 70 7.53 -22.80 18.50
CA PRO B 70 7.85 -24.03 19.24
C PRO B 70 9.35 -24.33 19.29
N GLN B 71 10.07 -24.07 18.20
CA GLN B 71 11.51 -24.31 18.18
C GLN B 71 12.21 -23.33 19.11
N VAL B 72 11.86 -22.05 19.00
CA VAL B 72 12.44 -21.05 19.86
C VAL B 72 12.21 -21.52 21.29
N GLU B 73 11.00 -22.04 21.52
CA GLU B 73 10.58 -22.54 22.83
C GLU B 73 11.47 -23.68 23.30
N ASP B 74 11.67 -24.66 22.41
CA ASP B 74 12.48 -25.82 22.73
C ASP B 74 13.93 -25.50 22.92
N VAL B 75 14.47 -24.66 22.05
CA VAL B 75 15.86 -24.25 22.11
C VAL B 75 16.16 -23.58 23.44
N LEU B 76 15.22 -22.79 23.95
CA LEU B 76 15.43 -22.11 25.22
C LEU B 76 15.26 -22.94 26.47
N PHE B 77 14.22 -23.77 26.51
CA PHE B 77 13.95 -24.56 27.71
C PHE B 77 13.88 -26.06 27.48
N GLY B 78 14.20 -26.51 26.27
CA GLY B 78 14.17 -27.93 25.94
C GLY B 78 15.03 -28.78 26.87
N GLU B 79 15.07 -30.09 26.62
CA GLU B 79 15.83 -31.01 27.46
C GLU B 79 17.35 -30.75 27.49
N HIS B 80 17.89 -30.22 26.40
CA HIS B 80 19.32 -29.88 26.34
C HIS B 80 19.43 -28.54 25.62
N GLY B 81 18.67 -27.58 26.12
CA GLY B 81 18.67 -26.24 25.55
C GLY B 81 19.51 -25.22 26.29
N CYS B 82 19.28 -23.95 25.96
CA CYS B 82 19.99 -22.82 26.54
C CYS B 82 19.81 -22.64 28.04
N ALA B 83 18.65 -23.02 28.56
CA ALA B 83 18.36 -22.88 29.98
C ALA B 83 18.90 -24.04 30.83
N LYS B 84 19.30 -25.14 30.19
CA LYS B 84 19.83 -26.27 30.95
C LYS B 84 21.25 -25.98 31.45
N THR B 85 21.66 -24.72 31.33
CA THR B 85 22.96 -24.24 31.78
C THR B 85 22.71 -22.85 32.35
N SER B 86 23.61 -22.34 33.17
CA SER B 86 23.43 -21.01 33.76
C SER B 86 23.45 -19.92 32.70
N LEU B 87 22.49 -19.01 32.79
CA LEU B 87 22.37 -17.92 31.83
C LEU B 87 22.65 -16.57 32.47
N GLN B 88 23.26 -16.58 33.64
CA GLN B 88 23.55 -15.33 34.35
C GLN B 88 24.51 -14.43 33.59
N GLY B 89 24.08 -13.20 33.32
CA GLY B 89 24.95 -12.27 32.62
C GLY B 89 24.97 -12.39 31.10
N LYS B 90 24.26 -13.39 30.58
CA LYS B 90 24.19 -13.61 29.13
C LYS B 90 23.10 -12.76 28.46
N THR B 91 23.11 -12.80 27.12
CA THR B 91 22.16 -12.08 26.27
C THR B 91 21.68 -13.03 25.17
N ILE B 92 20.36 -13.27 25.12
CA ILE B 92 19.77 -14.14 24.11
C ILE B 92 19.12 -13.29 23.05
N VAL B 93 19.51 -13.52 21.80
CA VAL B 93 18.94 -12.76 20.68
C VAL B 93 18.23 -13.68 19.68
N ASP B 94 16.91 -13.68 19.77
CA ASP B 94 16.08 -14.47 18.89
C ASP B 94 15.77 -13.62 17.68
N SER B 96 14.19 -15.06 15.10
CA SER B 96 13.19 -15.89 14.44
C SER B 96 11.91 -15.06 14.40
N SER B 97 11.03 -15.36 13.44
CA SER B 97 9.76 -14.65 13.38
C SER B 97 8.73 -15.56 14.05
N ILE B 98 8.40 -15.24 15.30
CA ILE B 98 7.45 -16.02 16.08
C ILE B 98 6.45 -15.17 16.84
N SER B 99 5.51 -15.83 17.48
CA SER B 99 4.46 -15.18 18.24
C SER B 99 4.92 -14.06 19.16
N PRO B 100 4.27 -12.88 19.04
CA PRO B 100 4.59 -11.71 19.86
C PRO B 100 4.31 -12.00 21.33
N ILE B 101 3.19 -12.67 21.58
CA ILE B 101 2.73 -13.02 22.92
C ILE B 101 3.62 -14.06 23.61
N GLU B 102 4.00 -15.10 22.89
CA GLU B 102 4.86 -16.15 23.43
C GLU B 102 6.21 -15.53 23.76
N THR B 103 6.63 -14.60 22.91
CA THR B 103 7.91 -13.93 23.09
C THR B 103 7.95 -13.26 24.45
N LYS B 104 6.97 -12.41 24.76
CA LYS B 104 6.96 -11.73 26.05
C LYS B 104 7.22 -12.71 27.18
N ARG B 105 6.53 -13.84 27.17
CA ARG B 105 6.68 -14.88 28.20
C ARG B 105 8.11 -15.43 28.21
N PHE B 106 8.63 -15.81 27.03
CA PHE B 106 9.99 -16.34 26.92
C PHE B 106 10.99 -15.37 27.55
N ALA B 107 11.00 -14.15 27.03
CA ALA B 107 11.90 -13.10 27.48
C ALA B 107 11.82 -12.95 28.99
N GLN B 108 10.62 -13.10 29.55
CA GLN B 108 10.46 -12.97 30.98
C GLN B 108 11.13 -14.11 31.76
N ARG B 109 10.87 -15.35 31.39
CA ARG B 109 11.48 -16.45 32.11
C ARG B 109 13.00 -16.50 31.94
N VAL B 110 13.52 -15.95 30.85
CA VAL B 110 14.98 -15.95 30.67
C VAL B 110 15.54 -14.85 31.55
N ASN B 111 14.72 -13.84 31.83
CA ASN B 111 15.13 -12.74 32.67
C ASN B 111 15.27 -13.26 34.10
N GLU B 112 14.32 -14.11 34.50
CA GLU B 112 14.32 -14.69 35.84
C GLU B 112 15.51 -15.63 36.05
N GLY B 114 18.53 -14.68 35.14
CA GLY B 114 19.65 -13.75 35.05
C GLY B 114 20.18 -13.34 33.67
N ALA B 115 19.45 -13.67 32.61
CA ALA B 115 19.89 -13.31 31.28
C ALA B 115 19.04 -12.20 30.68
N ASP B 116 19.59 -11.53 29.67
CA ASP B 116 18.89 -10.46 28.95
C ASP B 116 18.26 -11.05 27.69
N TYR B 117 17.17 -10.45 27.24
CA TYR B 117 16.48 -10.97 26.06
C TYR B 117 16.25 -9.89 25.03
N LEU B 118 16.51 -10.25 23.77
CA LEU B 118 16.29 -9.36 22.64
C LEU B 118 15.56 -10.14 21.55
N ASP B 119 14.38 -9.69 21.15
CA ASP B 119 13.67 -10.34 20.06
C ASP B 119 13.92 -9.39 18.89
N ALA B 120 14.47 -9.93 17.82
CA ALA B 120 14.79 -9.10 16.67
C ALA B 120 14.58 -9.81 15.35
N PRO B 121 13.31 -10.05 14.97
CA PRO B 121 13.01 -10.72 13.72
C PRO B 121 13.55 -9.86 12.57
N VAL B 122 13.84 -10.49 11.44
CA VAL B 122 14.37 -9.79 10.29
C VAL B 122 13.50 -9.93 9.04
N SER B 123 13.83 -9.13 8.03
CA SER B 123 13.16 -9.14 6.75
C SER B 123 14.22 -8.79 5.70
N GLY B 124 14.15 -9.43 4.54
CA GLY B 124 15.12 -9.17 3.48
C GLY B 124 15.45 -10.46 2.75
N GLY B 125 15.03 -11.58 3.34
CA GLY B 125 15.27 -12.88 2.74
C GLY B 125 16.71 -13.32 2.69
N GLU B 126 16.97 -14.42 1.99
CA GLU B 126 18.32 -14.95 1.93
C GLU B 126 19.32 -14.04 1.23
N ILE B 127 18.89 -13.22 0.27
CA ILE B 127 19.85 -12.32 -0.36
C ILE B 127 20.26 -11.28 0.68
N GLY B 128 19.27 -10.73 1.37
CA GLY B 128 19.53 -9.74 2.40
C GLY B 128 20.46 -10.29 3.46
N ALA B 129 20.35 -11.58 3.74
CA ALA B 129 21.18 -12.23 4.74
C ALA B 129 22.61 -12.46 4.26
N ARG B 130 22.78 -12.75 2.96
CA ARG B 130 24.11 -12.99 2.43
C ARG B 130 24.90 -11.68 2.37
N GLU B 131 24.20 -10.62 1.98
CA GLU B 131 24.82 -9.33 1.83
C GLU B 131 24.76 -8.38 3.01
N GLY B 132 24.29 -8.87 4.15
CA GLY B 132 24.23 -8.02 5.34
C GLY B 132 23.34 -6.80 5.26
N THR B 133 22.32 -6.87 4.41
CA THR B 133 21.37 -5.77 4.23
C THR B 133 20.01 -6.03 4.91
N LEU B 134 19.95 -7.05 5.76
CA LEU B 134 18.71 -7.39 6.45
C LEU B 134 18.10 -6.22 7.22
N SER B 135 16.77 -6.20 7.30
CA SER B 135 16.07 -5.19 8.07
C SER B 135 15.84 -5.84 9.43
N ILE B 136 16.19 -5.15 10.50
CA ILE B 136 16.06 -5.73 11.83
C ILE B 136 15.24 -4.86 12.79
N VAL B 138 13.79 -4.56 16.47
CA VAL B 138 14.13 -5.13 17.77
C VAL B 138 13.28 -4.76 18.98
N GLY B 139 12.98 -5.79 19.77
CA GLY B 139 12.21 -5.61 20.99
C GLY B 139 13.17 -5.84 22.14
N GLY B 140 13.16 -4.93 23.10
CA GLY B 140 14.05 -5.05 24.24
C GLY B 140 14.55 -3.71 24.76
N GLU B 141 15.41 -3.77 25.77
CA GLU B 141 15.96 -2.57 26.39
C GLU B 141 17.14 -1.96 25.66
N GLN B 142 17.11 -0.64 25.56
CA GLN B 142 18.14 0.12 24.87
C GLN B 142 19.57 -0.32 25.16
N LYS B 143 19.99 -0.23 26.42
CA LYS B 143 21.35 -0.61 26.78
C LYS B 143 21.72 -1.96 26.17
N VAL B 144 20.80 -2.93 26.24
CA VAL B 144 21.08 -4.24 25.66
C VAL B 144 21.18 -4.10 24.13
N PHE B 145 20.26 -3.32 23.56
CA PHE B 145 20.26 -3.08 22.13
C PHE B 145 21.59 -2.44 21.70
N ASP B 146 22.02 -1.41 22.43
CA ASP B 146 23.29 -0.73 22.11
C ASP B 146 24.43 -1.71 22.11
N ARG B 147 24.40 -2.63 23.08
CA ARG B 147 25.44 -3.62 23.26
C ARG B 147 25.58 -4.62 22.11
N VAL B 148 24.44 -4.99 21.52
CA VAL B 148 24.45 -5.94 20.41
C VAL B 148 24.50 -5.29 19.03
N LYS B 149 24.19 -3.99 18.99
CA LYS B 149 24.17 -3.21 17.75
C LYS B 149 25.34 -3.44 16.78
N PRO B 150 26.57 -3.44 17.31
CA PRO B 150 27.74 -3.65 16.43
C PRO B 150 27.56 -4.92 15.62
N LEU B 151 26.90 -5.90 16.23
CA LEU B 151 26.65 -7.19 15.59
C LEU B 151 25.48 -7.03 14.62
N PHE B 152 24.43 -6.31 15.02
CA PHE B 152 23.31 -6.11 14.11
C PHE B 152 23.84 -5.43 12.83
N ASP B 153 24.80 -4.52 12.99
CA ASP B 153 25.38 -3.80 11.84
C ASP B 153 26.01 -4.70 10.76
N ILE B 154 26.61 -5.80 11.20
CA ILE B 154 27.23 -6.74 10.28
C ILE B 154 26.14 -7.52 9.57
N LEU B 155 25.08 -7.84 10.31
CA LEU B 155 23.96 -8.62 9.80
C LEU B 155 22.99 -7.84 8.92
N GLY B 156 22.73 -6.58 9.27
CA GLY B 156 21.78 -5.81 8.49
C GLY B 156 22.14 -4.37 8.14
N LYS B 157 21.11 -3.64 7.70
CA LYS B 157 21.25 -2.24 7.33
C LYS B 157 20.25 -1.39 8.12
N ASN B 158 18.96 -1.69 7.97
CA ASN B 158 17.93 -0.94 8.70
C ASN B 158 17.64 -1.61 10.05
N ILE B 159 18.20 -1.04 11.12
CA ILE B 159 17.97 -1.58 12.46
C ILE B 159 17.16 -0.60 13.31
N THR B 160 16.14 -1.10 14.00
CA THR B 160 15.29 -0.25 14.81
C THR B 160 14.83 -0.82 16.15
N LEU B 161 15.08 -0.07 17.23
CA LEU B 161 14.61 -0.49 18.56
C LEU B 161 13.15 0.02 18.58
N VAL B 162 12.21 -0.91 18.54
CA VAL B 162 10.78 -0.55 18.50
C VAL B 162 10.15 -0.47 19.90
N GLY B 163 10.90 -0.91 20.91
CA GLY B 163 10.39 -0.87 22.26
C GLY B 163 10.83 -2.07 23.05
N GLY B 164 10.03 -2.39 24.06
CA GLY B 164 10.29 -3.53 24.92
C GLY B 164 10.10 -4.88 24.27
N ASN B 165 10.47 -5.91 25.01
CA ASN B 165 10.38 -7.28 24.58
C ASN B 165 9.03 -7.63 23.96
N GLY B 166 9.09 -8.12 22.72
CA GLY B 166 7.90 -8.53 22.01
C GLY B 166 7.55 -7.60 20.87
N ASP B 167 7.92 -6.33 21.01
CA ASP B 167 7.63 -5.33 19.99
C ASP B 167 8.35 -5.61 18.69
N GLY B 168 9.45 -6.33 18.78
CA GLY B 168 10.19 -6.68 17.58
C GLY B 168 9.35 -7.65 16.74
N GLN B 169 8.88 -8.73 17.37
CA GLN B 169 8.05 -9.72 16.70
C GLN B 169 6.80 -9.01 16.16
N THR B 170 6.22 -8.18 17.03
CA THR B 170 5.03 -7.45 16.70
C THR B 170 5.22 -6.53 15.52
N CYS B 171 6.34 -5.81 15.51
CA CYS B 171 6.65 -4.91 14.40
C CYS B 171 6.76 -5.71 13.10
N LYS B 172 7.33 -6.92 13.18
CA LYS B 172 7.46 -7.79 12.00
C LYS B 172 6.09 -8.25 11.48
N VAL B 173 5.18 -8.61 12.39
CA VAL B 173 3.84 -9.04 12.00
C VAL B 173 3.18 -7.91 11.22
N ALA B 174 3.27 -6.68 11.75
CA ALA B 174 2.68 -5.51 11.10
C ALA B 174 3.29 -5.28 9.73
N ASN B 175 4.58 -5.49 9.60
CA ASN B 175 5.23 -5.30 8.32
C ASN B 175 4.67 -6.33 7.31
N GLN B 176 4.55 -7.58 7.74
CA GLN B 176 4.07 -8.63 6.86
C GLN B 176 2.60 -8.48 6.46
N ILE B 177 1.81 -7.84 7.31
CA ILE B 177 0.40 -7.62 7.02
C ILE B 177 0.31 -6.58 5.91
N ILE B 178 1.04 -5.48 6.08
CA ILE B 178 1.02 -4.40 5.10
C ILE B 178 1.58 -4.86 3.77
N VAL B 179 2.70 -5.58 3.80
CA VAL B 179 3.32 -6.06 2.57
C VAL B 179 2.36 -6.94 1.79
N ALA B 180 1.67 -7.82 2.52
CA ALA B 180 0.70 -8.73 1.92
C ALA B 180 -0.53 -7.96 1.39
N LEU B 181 -1.06 -7.04 2.18
CA LEU B 181 -2.21 -6.27 1.75
C LEU B 181 -1.83 -5.36 0.58
N ASN B 182 -0.64 -4.74 0.64
CA ASN B 182 -0.19 -3.87 -0.44
C ASN B 182 -0.02 -4.62 -1.77
N ILE B 183 0.52 -5.83 -1.70
CA ILE B 183 0.68 -6.65 -2.89
C ILE B 183 -0.67 -7.00 -3.50
N GLU B 184 -1.65 -7.30 -2.64
CA GLU B 184 -2.98 -7.66 -3.09
C GLU B 184 -3.70 -6.49 -3.73
N ALA B 185 -3.51 -5.30 -3.17
CA ALA B 185 -4.13 -4.10 -3.73
C ALA B 185 -3.58 -3.79 -5.11
N VAL B 186 -2.27 -3.84 -5.27
CA VAL B 186 -1.72 -3.56 -6.58
C VAL B 186 -2.32 -4.57 -7.55
N SER B 187 -2.45 -5.82 -7.12
CA SER B 187 -3.03 -6.87 -7.96
C SER B 187 -4.47 -6.57 -8.37
N GLU B 188 -5.25 -6.05 -7.44
CA GLU B 188 -6.63 -5.75 -7.77
C GLU B 188 -6.67 -4.58 -8.73
N ALA B 189 -5.93 -3.54 -8.41
CA ALA B 189 -5.90 -2.35 -9.25
C ALA B 189 -5.38 -2.57 -10.67
N LEU B 190 -4.35 -3.39 -10.82
CA LEU B 190 -3.80 -3.64 -12.15
C LEU B 190 -4.63 -4.61 -12.99
N VAL B 191 -5.16 -5.65 -12.38
CA VAL B 191 -5.97 -6.62 -13.11
C VAL B 191 -7.26 -5.97 -13.61
N PHE B 192 -7.78 -5.02 -12.82
CA PHE B 192 -9.00 -4.31 -13.18
C PHE B 192 -8.67 -3.38 -14.34
N ALA B 193 -7.55 -2.68 -14.20
CA ALA B 193 -7.10 -1.74 -15.22
C ALA B 193 -6.89 -2.47 -16.53
N SER B 194 -6.25 -3.63 -16.44
CA SER B 194 -5.97 -4.43 -17.63
C SER B 194 -7.24 -4.91 -18.34
N LYS B 195 -8.19 -5.45 -17.58
CA LYS B 195 -9.43 -5.94 -18.19
C LYS B 195 -10.31 -4.75 -18.61
N ALA B 196 -9.97 -3.55 -18.14
CA ALA B 196 -10.72 -2.35 -18.51
C ALA B 196 -10.20 -1.88 -19.86
N GLY B 197 -9.02 -2.38 -20.23
CA GLY B 197 -8.42 -2.03 -21.51
C GLY B 197 -7.18 -1.16 -21.44
N ALA B 198 -6.90 -0.64 -20.25
CA ALA B 198 -5.75 0.22 -20.00
C ALA B 198 -4.44 -0.57 -20.00
N ASP B 199 -3.31 0.12 -20.16
CA ASP B 199 -2.02 -0.54 -20.17
C ASP B 199 -1.34 -0.50 -18.81
N PRO B 200 -1.21 -1.66 -18.15
CA PRO B 200 -0.59 -1.82 -16.85
C PRO B 200 0.68 -1.01 -16.68
N VAL B 201 1.47 -0.94 -17.74
CA VAL B 201 2.71 -0.19 -17.67
C VAL B 201 2.48 1.27 -17.34
N ARG B 202 1.58 1.91 -18.10
CA ARG B 202 1.23 3.32 -17.92
C ARG B 202 0.58 3.63 -16.59
N VAL B 203 -0.46 2.85 -16.24
CA VAL B 203 -1.16 3.05 -14.98
C VAL B 203 -0.17 3.02 -13.81
N ARG B 204 0.69 2.00 -13.77
CA ARG B 204 1.66 1.93 -12.68
C ARG B 204 2.51 3.20 -12.67
N GLN B 205 2.87 3.70 -13.85
CA GLN B 205 3.67 4.91 -13.93
C GLN B 205 2.87 6.12 -13.47
N ALA B 206 1.63 6.22 -13.96
CA ALA B 206 0.77 7.32 -13.57
C ALA B 206 0.64 7.32 -12.05
N LEU B 207 0.23 6.18 -11.49
CA LEU B 207 0.01 6.06 -10.05
C LEU B 207 1.23 6.23 -9.15
N GLY B 209 3.29 8.77 -9.05
CA GLY B 209 3.30 10.10 -8.50
C GLY B 209 1.93 10.26 -7.89
N GLY B 210 1.84 10.23 -6.56
CA GLY B 210 0.55 10.36 -5.93
C GLY B 210 0.43 9.48 -4.70
N PHE B 211 -0.76 9.42 -4.12
CA PHE B 211 -0.96 8.63 -2.90
C PHE B 211 -1.00 7.13 -3.05
N ALA B 212 -1.03 6.64 -4.28
CA ALA B 212 -1.04 5.21 -4.51
C ALA B 212 0.39 4.67 -4.35
N SER B 213 1.37 5.57 -4.43
CA SER B 213 2.78 5.21 -4.33
C SER B 213 3.19 4.46 -3.08
N SER B 214 3.97 3.41 -3.29
CA SER B 214 4.50 2.57 -2.21
C SER B 214 5.62 1.74 -2.83
N ARG B 215 6.44 1.11 -1.99
CA ARG B 215 7.54 0.33 -2.50
C ARG B 215 7.03 -0.90 -3.24
N ILE B 216 5.88 -1.42 -2.82
CA ILE B 216 5.28 -2.60 -3.45
C ILE B 216 4.87 -2.28 -4.87
N LEU B 217 4.22 -1.14 -5.06
CA LEU B 217 3.78 -0.74 -6.39
C LEU B 217 5.01 -0.56 -7.26
N GLU B 218 6.11 -0.11 -6.66
CA GLU B 218 7.36 0.10 -7.40
C GLU B 218 8.05 -1.21 -7.81
N VAL B 219 8.37 -2.03 -6.82
CA VAL B 219 9.05 -3.28 -7.08
C VAL B 219 8.13 -4.39 -7.61
N HIS B 220 7.14 -4.78 -6.82
CA HIS B 220 6.24 -5.86 -7.22
C HIS B 220 5.32 -5.57 -8.40
N GLY B 221 4.81 -4.34 -8.49
CA GLY B 221 3.95 -4.01 -9.60
C GLY B 221 4.69 -4.32 -10.89
N GLU B 222 6.00 -4.10 -10.85
CA GLU B 222 6.83 -4.35 -11.99
C GLU B 222 6.88 -5.84 -12.27
N ARG B 223 7.18 -6.63 -11.24
CA ARG B 223 7.24 -8.07 -11.40
C ARG B 223 5.96 -8.69 -11.97
N ILE B 225 3.88 -7.28 -14.04
CA ILE B 225 3.80 -6.92 -15.46
C ILE B 225 4.79 -7.78 -16.25
N ASN B 226 6.05 -7.75 -15.82
CA ASN B 226 7.09 -8.51 -16.48
C ASN B 226 6.97 -10.02 -16.26
N ARG B 227 6.09 -10.41 -15.35
CA ARG B 227 5.89 -11.83 -15.06
C ARG B 227 7.08 -12.47 -14.37
N THR B 228 7.92 -11.65 -13.73
CA THR B 228 9.09 -12.16 -13.04
C THR B 228 8.71 -12.62 -11.63
N PHE B 229 8.52 -13.93 -11.46
CA PHE B 229 8.12 -14.49 -10.17
C PHE B 229 9.15 -15.35 -9.47
N GLU B 230 10.41 -15.26 -9.89
CA GLU B 230 11.43 -16.07 -9.24
C GLU B 230 11.54 -15.70 -7.77
N PRO B 231 11.50 -16.71 -6.90
CA PRO B 231 11.59 -16.54 -5.44
C PRO B 231 12.50 -15.44 -4.93
N GLY B 232 11.90 -14.59 -4.10
CA GLY B 232 12.58 -13.48 -3.45
C GLY B 232 12.04 -13.58 -2.04
N PHE B 233 10.86 -14.19 -1.97
CA PHE B 233 10.13 -14.45 -0.74
C PHE B 233 8.95 -15.33 -1.13
N LYS B 234 9.12 -16.64 -0.96
CA LYS B 234 8.09 -17.61 -1.34
C LYS B 234 6.73 -17.40 -0.70
N ILE B 235 5.68 -17.61 -1.49
CA ILE B 235 4.33 -17.47 -1.00
C ILE B 235 4.13 -18.40 0.20
N ALA B 236 4.72 -19.59 0.15
CA ALA B 236 4.57 -20.52 1.26
C ALA B 236 5.06 -19.85 2.55
N LEU B 237 6.10 -19.04 2.44
CA LEU B 237 6.65 -18.34 3.60
C LEU B 237 5.72 -17.23 4.07
N HIS B 238 5.18 -16.47 3.14
CA HIS B 238 4.29 -15.38 3.55
C HIS B 238 3.02 -15.96 4.17
N GLN B 239 2.68 -17.20 3.82
CA GLN B 239 1.49 -17.82 4.39
C GLN B 239 1.78 -18.11 5.86
N LYS B 240 3.03 -18.44 6.15
CA LYS B 240 3.43 -18.72 7.51
C LYS B 240 3.33 -17.40 8.29
N ASP B 241 3.85 -16.33 7.70
CA ASP B 241 3.81 -15.03 8.34
C ASP B 241 2.37 -14.56 8.61
N LEU B 242 1.48 -14.71 7.64
CA LEU B 242 0.09 -14.28 7.85
C LEU B 242 -0.57 -15.19 8.87
N ASN B 243 -0.14 -16.45 8.92
CA ASN B 243 -0.71 -17.39 9.89
C ASN B 243 -0.37 -16.93 11.30
N LEU B 244 0.79 -16.32 11.47
CA LEU B 244 1.22 -15.78 12.76
C LEU B 244 0.32 -14.60 13.09
N ALA B 245 0.07 -13.79 12.06
CA ALA B 245 -0.78 -12.62 12.18
C ALA B 245 -2.17 -13.01 12.68
N LEU B 246 -2.84 -13.87 11.94
CA LEU B 246 -4.18 -14.28 12.31
C LEU B 246 -4.29 -14.94 13.69
N GLN B 247 -3.33 -15.79 14.05
CA GLN B 247 -3.41 -16.43 15.35
C GLN B 247 -3.30 -15.38 16.44
N SER B 248 -2.49 -14.33 16.21
CA SER B 248 -2.33 -13.26 17.20
C SER B 248 -3.64 -12.50 17.27
N ALA B 249 -4.20 -12.26 16.10
CA ALA B 249 -5.48 -11.58 15.97
C ALA B 249 -6.51 -12.36 16.81
N LYS B 250 -6.49 -13.67 16.70
CA LYS B 250 -7.44 -14.48 17.46
C LYS B 250 -7.17 -14.29 18.94
N ALA B 251 -5.91 -14.42 19.35
CA ALA B 251 -5.56 -14.26 20.76
C ALA B 251 -5.88 -12.86 21.32
N LEU B 252 -5.60 -11.83 20.55
CA LEU B 252 -5.88 -10.47 21.01
C LEU B 252 -7.30 -9.97 20.68
N ALA B 253 -8.10 -10.81 20.02
CA ALA B 253 -9.47 -10.49 19.59
C ALA B 253 -9.45 -9.30 18.64
N LEU B 254 -8.80 -9.49 17.50
CA LEU B 254 -8.71 -8.43 16.49
C LEU B 254 -9.39 -8.87 15.22
N ASN B 255 -10.12 -7.96 14.61
CA ASN B 255 -10.81 -8.25 13.36
C ASN B 255 -9.97 -7.68 12.21
N LEU B 256 -9.19 -8.54 11.54
CA LEU B 256 -8.35 -8.11 10.42
C LEU B 256 -8.92 -8.70 9.13
N PRO B 257 -10.03 -8.12 8.64
CA PRO B 257 -10.72 -8.57 7.43
C PRO B 257 -9.89 -8.77 6.18
N ASN B 258 -8.96 -7.87 5.89
CA ASN B 258 -8.16 -8.05 4.68
C ASN B 258 -6.94 -8.97 4.84
N THR B 259 -6.46 -9.17 6.06
CA THR B 259 -5.35 -10.09 6.29
C THR B 259 -5.94 -11.51 6.12
N ALA B 260 -7.14 -11.72 6.65
CA ALA B 260 -7.78 -13.03 6.56
C ALA B 260 -8.00 -13.40 5.10
N THR B 261 -8.50 -12.45 4.32
CA THR B 261 -8.73 -12.70 2.90
C THR B 261 -7.42 -12.96 2.17
N CYS B 262 -6.39 -12.16 2.44
CA CYS B 262 -5.11 -12.36 1.76
C CYS B 262 -4.62 -13.79 2.01
N GLN B 263 -4.84 -14.30 3.22
CA GLN B 263 -4.39 -15.66 3.50
C GLN B 263 -5.14 -16.63 2.58
N GLU B 264 -6.45 -16.41 2.42
CA GLU B 264 -7.25 -17.26 1.54
C GLU B 264 -6.84 -17.09 0.08
N LEU B 265 -6.50 -15.87 -0.30
CA LEU B 265 -6.07 -15.61 -1.66
C LEU B 265 -4.79 -16.44 -1.92
N PHE B 266 -3.90 -16.48 -0.93
CA PHE B 266 -2.67 -17.26 -1.04
C PHE B 266 -3.00 -18.77 -1.13
N ASN B 267 -4.07 -19.20 -0.47
CA ASN B 267 -4.45 -20.60 -0.54
C ASN B 267 -4.78 -20.93 -1.99
N THR B 268 -5.33 -19.95 -2.70
CA THR B 268 -5.71 -20.11 -4.10
C THR B 268 -4.44 -20.20 -4.93
N CYS B 269 -3.42 -19.44 -4.56
CA CYS B 269 -2.16 -19.49 -5.28
C CYS B 269 -1.57 -20.90 -5.14
N ALA B 270 -1.57 -21.40 -3.91
CA ALA B 270 -1.03 -22.74 -3.64
C ALA B 270 -1.71 -23.74 -4.56
N ALA B 271 -3.02 -23.85 -4.43
CA ALA B 271 -3.80 -24.78 -5.23
C ALA B 271 -3.53 -24.67 -6.73
N ASN B 272 -2.85 -23.61 -7.13
CA ASN B 272 -2.57 -23.40 -8.55
C ASN B 272 -1.07 -23.20 -8.81
N GLY B 273 -0.26 -23.98 -8.08
CA GLY B 273 1.18 -23.93 -8.25
C GLY B 273 1.93 -22.64 -7.97
N GLY B 274 1.52 -21.89 -6.96
CA GLY B 274 2.21 -20.65 -6.66
C GLY B 274 2.90 -20.65 -5.30
N SER B 275 2.85 -21.77 -4.58
CA SER B 275 3.47 -21.85 -3.26
C SER B 275 4.96 -21.49 -3.23
N GLN B 276 5.71 -21.83 -4.28
CA GLN B 276 7.13 -21.51 -4.28
C GLN B 276 7.56 -20.31 -5.12
N LEU B 277 6.60 -19.62 -5.73
CA LEU B 277 6.89 -18.42 -6.52
C LEU B 277 6.98 -17.25 -5.55
N ASP B 278 7.40 -16.10 -6.09
CA ASP B 278 7.53 -14.89 -5.30
C ASP B 278 6.15 -14.37 -4.96
N HIS B 279 5.95 -13.87 -3.74
CA HIS B 279 4.62 -13.41 -3.36
C HIS B 279 4.02 -12.37 -4.27
N SER B 280 4.78 -11.93 -5.28
CA SER B 280 4.23 -10.96 -6.22
C SER B 280 3.30 -11.73 -7.18
N ALA B 281 3.45 -13.04 -7.21
CA ALA B 281 2.62 -13.91 -8.05
C ALA B 281 1.18 -13.97 -7.50
N VAL B 283 -0.78 -12.02 -7.75
CA VAL B 283 -1.60 -11.44 -8.80
C VAL B 283 -2.28 -12.53 -9.65
N GLN B 284 -1.69 -13.72 -9.70
CA GLN B 284 -2.28 -14.78 -10.50
C GLN B 284 -3.62 -15.21 -9.93
N ALA B 285 -3.83 -14.93 -8.66
CA ALA B 285 -5.08 -15.30 -8.01
C ALA B 285 -6.22 -14.49 -8.61
N LEU B 286 -6.07 -13.17 -8.63
CA LEU B 286 -7.12 -12.31 -9.17
C LEU B 286 -7.33 -12.49 -10.66
N GLU B 287 -6.25 -12.77 -11.38
CA GLU B 287 -6.36 -13.02 -12.80
C GLU B 287 -7.24 -14.24 -12.95
N LEU B 288 -6.91 -15.31 -12.22
CA LEU B 288 -7.72 -16.51 -12.27
C LEU B 288 -9.18 -16.19 -11.95
N ALA B 290 -10.80 -13.50 -12.29
CA ALA B 290 -11.47 -12.63 -13.25
C ALA B 290 -11.29 -13.23 -14.64
N ASN B 291 -10.52 -14.31 -14.72
CA ASN B 291 -10.24 -14.96 -15.98
C ASN B 291 -9.68 -13.91 -16.92
N HIS B 292 -8.51 -13.41 -16.56
CA HIS B 292 -7.87 -12.40 -17.36
C HIS B 292 -6.47 -12.08 -16.83
N LYS B 293 -5.45 -12.49 -17.57
CA LYS B 293 -4.06 -12.25 -17.20
C LYS B 293 -3.60 -10.90 -17.75
N LEU B 294 -2.60 -10.28 -17.12
CA LEU B 294 -2.10 -9.00 -17.58
C LEU B 294 -1.42 -9.07 -18.95
#